data_8WFR
#
_entry.id   8WFR
#
_cell.length_a   63.081
_cell.length_b   70.813
_cell.length_c   149.867
_cell.angle_alpha   90.000
_cell.angle_beta   90.000
_cell.angle_gamma   90.000
#
_symmetry.space_group_name_H-M   'P 21 21 21'
#
loop_
_entity.id
_entity.type
_entity.pdbx_description
1 polymer 'Proprotein convertase subtilisin/kexin type 9'
2 polymer 'Proprotein convertase subtilisin/kexin type 9'
3 non-polymer '4-(2-HYDROXYETHYL)-1-PIPERAZINE ETHANESULFONIC ACID'
4 non-polymer 1,2-ETHANEDIOL
5 non-polymer GLYCEROL
6 water water
#
loop_
_entity_poly.entity_id
_entity_poly.type
_entity_poly.pdbx_seq_one_letter_code
_entity_poly.pdbx_strand_id
1 'polypeptide(L)'
;GGQEDEDGDYEELVLALRSEEDGLAEAPEHGTTATFHRCAKDPWRLPGTYVVVLKEETHLSQSERTARRLQAQAARRGYL
TKILHVFHGLLPGFLVKMSGDLLELALKLPHVDYIEEDSSVFAQ
;
A
2 'polypeptide(L)'
;SIPWNLERITPPRYRADEYQPPDGGSLVEVYLLDTSIQSDHREIEGRVMVTDFENVPEEDGTRFHRQASKCDSHGTHLAG
VVSGRDAGVAKGASMRSLRVLNCQGKGTVSGTLIGLEFIRKSQLVQPVGPLVVLLPLAGGYSRVLNAACQRLARAGVVLV
TAAGNFRDDACLYSPASAPEVITVGATNAQDQPVTLGTLGTNFGRCVDLFAPGEDIIGASSDCSTCFVSQSGTSQAAAHV
AGIAAMMLSAEPELTLAELRQRLIHFSAKDVINEAWFPEDQRVLTPNLVAALPPSTHGAGWQLFCRTVWSAHSGPTRMAT
AVARCAPDEELLSCSSFSRSGKRRGERMEAQGGKLVCRAHNAFGGEGVYAIARCCLLPQANCSVHTAPPAEASMGTRVHC
HQQGHVLTGCSSHWEVEDLGTHKPPVLRPRGQPNQCVGHREASIHASCCHAPGLECKVKEHGIPAPQEQVTVACEEGWTL
TGCSALPGTSHVLGAYAVDNTCVVRSRDVSTTGSTSEGAVTAVAICCRSRHLAQASQELQ
;
B
#
loop_
_chem_comp.id
_chem_comp.type
_chem_comp.name
_chem_comp.formula
EDO non-polymer 1,2-ETHANEDIOL 'C2 H6 O2'
EPE non-polymer '4-(2-HYDROXYETHYL)-1-PIPERAZINE ETHANESULFONIC ACID' 'C8 H18 N2 O4 S'
GOL non-polymer GLYCEROL 'C3 H8 O3'
#
# COMPACT_ATOMS: atom_id res chain seq x y z
N THR A 33 10.92 -10.14 -25.40
CA THR A 33 10.65 -10.15 -23.94
C THR A 33 10.26 -8.74 -23.46
N ALA A 34 10.87 -7.69 -24.03
CA ALA A 34 10.60 -6.32 -23.60
C ALA A 34 9.19 -5.91 -24.00
N THR A 35 8.47 -5.21 -23.10
CA THR A 35 7.08 -4.85 -23.35
C THR A 35 6.86 -3.35 -23.29
N PHE A 36 5.75 -2.91 -23.89
CA PHE A 36 5.40 -1.49 -23.98
C PHE A 36 4.11 -1.25 -23.20
N HIS A 37 4.07 -0.11 -22.51
CA HIS A 37 2.96 0.26 -21.64
C HIS A 37 2.69 1.75 -21.79
N ARG A 38 1.40 2.11 -21.83
CA ARG A 38 0.99 3.51 -21.75
C ARG A 38 -0.27 3.62 -20.89
N CYS A 39 -0.51 4.84 -20.43
CA CYS A 39 -1.61 5.11 -19.51
C CYS A 39 -2.94 4.69 -20.14
N ALA A 40 -3.77 4.01 -19.34
CA ALA A 40 -5.05 3.53 -19.77
C ALA A 40 -6.06 4.68 -19.84
N LYS A 41 -5.77 5.77 -19.12
CA LYS A 41 -6.57 6.98 -19.15
C LYS A 41 -6.05 7.88 -20.27
N ASP A 42 -6.74 7.82 -21.41
CA ASP A 42 -6.21 8.38 -22.65
C ASP A 42 -5.94 9.88 -22.51
N PRO A 43 -6.81 10.69 -21.88
CA PRO A 43 -6.53 12.13 -21.71
C PRO A 43 -5.27 12.45 -20.89
N TRP A 44 -4.74 11.47 -20.15
CA TRP A 44 -3.60 11.69 -19.28
C TRP A 44 -2.28 11.25 -19.93
N ARG A 45 -2.35 10.65 -21.12
CA ARG A 45 -1.16 10.23 -21.85
C ARG A 45 -0.36 11.44 -22.34
N LEU A 46 0.96 11.27 -22.47
CA LEU A 46 1.86 12.28 -23.04
C LEU A 46 2.70 11.64 -24.15
N PRO A 47 2.09 11.37 -25.33
CA PRO A 47 2.81 10.71 -26.43
C PRO A 47 4.02 11.54 -26.86
N GLY A 48 5.04 10.85 -27.36
CA GLY A 48 6.24 11.52 -27.86
C GLY A 48 7.36 11.60 -26.82
N THR A 49 7.09 11.19 -25.57
CA THR A 49 8.14 11.03 -24.56
C THR A 49 7.99 9.69 -23.87
N TYR A 50 9.12 8.98 -23.71
CA TYR A 50 9.14 7.59 -23.29
C TYR A 50 10.20 7.35 -22.21
N VAL A 51 9.82 6.56 -21.21
CA VAL A 51 10.75 6.07 -20.20
C VAL A 51 11.21 4.67 -20.61
N VAL A 52 12.49 4.55 -20.97
CA VAL A 52 13.07 3.27 -21.30
C VAL A 52 13.69 2.71 -20.02
N VAL A 53 13.09 1.61 -19.53
CA VAL A 53 13.52 0.98 -18.30
C VAL A 53 14.34 -0.26 -18.65
N LEU A 54 15.56 -0.30 -18.12
CA LEU A 54 16.49 -1.39 -18.37
C LEU A 54 16.39 -2.39 -17.21
N LYS A 55 16.97 -3.57 -17.43
CA LYS A 55 16.95 -4.63 -16.43
C LYS A 55 17.71 -4.20 -15.19
N GLU A 56 17.30 -4.79 -14.06
CA GLU A 56 17.53 -4.29 -12.72
C GLU A 56 19.00 -3.95 -12.45
N GLU A 57 19.91 -4.81 -12.87
CA GLU A 57 21.32 -4.65 -12.51
C GLU A 57 22.12 -3.99 -13.63
N THR A 58 21.44 -3.33 -14.58
CA THR A 58 22.11 -2.59 -15.62
C THR A 58 22.89 -1.42 -14.99
N HIS A 59 24.16 -1.28 -15.39
CA HIS A 59 25.03 -0.24 -14.88
C HIS A 59 24.82 1.06 -15.68
N LEU A 60 25.07 2.20 -15.02
CA LEU A 60 24.94 3.51 -15.64
C LEU A 60 25.70 3.60 -16.97
N SER A 61 26.92 3.06 -17.01
CA SER A 61 27.70 3.04 -18.24
C SER A 61 26.93 2.38 -19.38
N GLN A 62 26.26 1.26 -19.09
CA GLN A 62 25.47 0.51 -20.06
C GLN A 62 24.24 1.33 -20.47
N SER A 63 23.56 1.94 -19.50
CA SER A 63 22.39 2.77 -19.77
C SER A 63 22.74 3.89 -20.74
N GLU A 64 23.89 4.55 -20.51
CA GLU A 64 24.32 5.68 -21.32
C GLU A 64 24.60 5.21 -22.75
N ARG A 65 25.26 4.04 -22.88
CA ARG A 65 25.59 3.49 -24.18
C ARG A 65 24.33 3.07 -24.93
N THR A 66 23.37 2.47 -24.23
CA THR A 66 22.10 2.06 -24.84
C THR A 66 21.36 3.28 -25.38
N ALA A 67 21.37 4.40 -24.63
CA ALA A 67 20.74 5.63 -25.07
C ALA A 67 21.38 6.14 -26.36
N ARG A 68 22.71 6.09 -26.44
CA ARG A 68 23.44 6.59 -27.61
C ARG A 68 23.21 5.66 -28.80
N ARG A 69 23.11 4.36 -28.55
CA ARG A 69 22.81 3.40 -29.61
C ARG A 69 21.43 3.70 -30.21
N LEU A 70 20.44 4.00 -29.36
CA LEU A 70 19.10 4.36 -29.84
C LEU A 70 19.16 5.60 -30.73
N GLN A 71 19.91 6.62 -30.30
CA GLN A 71 19.99 7.86 -31.07
C GLN A 71 20.65 7.63 -32.43
N ALA A 72 21.68 6.78 -32.46
CA ALA A 72 22.38 6.45 -33.69
C ALA A 72 21.47 5.68 -34.65
N GLN A 73 20.75 4.67 -34.12
CA GLN A 73 19.87 3.83 -34.92
C GLN A 73 18.70 4.66 -35.48
N ALA A 74 18.15 5.54 -34.63
CA ALA A 74 17.11 6.48 -34.98
C ALA A 74 17.57 7.41 -36.11
N ALA A 75 18.75 8.01 -35.95
CA ALA A 75 19.26 8.98 -36.91
C ALA A 75 19.43 8.32 -38.28
N ARG A 76 19.90 7.07 -38.31
CA ARG A 76 20.07 6.33 -39.56
C ARG A 76 18.73 6.11 -40.28
N ARG A 77 17.61 6.20 -39.55
CA ARG A 77 16.30 6.00 -40.14
C ARG A 77 15.63 7.35 -40.35
N GLY A 78 16.35 8.43 -40.04
CA GLY A 78 15.92 9.79 -40.33
C GLY A 78 15.14 10.45 -39.19
N TYR A 79 15.26 9.92 -37.97
CA TYR A 79 14.53 10.46 -36.84
C TYR A 79 15.47 11.23 -35.90
N LEU A 80 15.07 12.45 -35.55
CA LEU A 80 15.66 13.19 -34.43
C LEU A 80 15.18 12.57 -33.11
N THR A 81 16.09 12.50 -32.14
CA THR A 81 15.76 12.10 -30.78
C THR A 81 16.49 13.01 -29.80
N LYS A 82 15.98 13.08 -28.58
CA LYS A 82 16.63 13.81 -27.50
C LYS A 82 16.55 12.97 -26.22
N ILE A 83 17.71 12.68 -25.64
CA ILE A 83 17.81 12.04 -24.33
C ILE A 83 17.69 13.13 -23.27
N LEU A 84 16.57 13.15 -22.56
CA LEU A 84 16.26 14.21 -21.61
C LEU A 84 16.89 13.93 -20.24
N HIS A 85 17.12 12.66 -19.93
CA HIS A 85 17.60 12.26 -18.62
C HIS A 85 18.08 10.81 -18.69
N VAL A 86 19.18 10.49 -18.01
CA VAL A 86 19.59 9.11 -17.78
C VAL A 86 19.39 8.80 -16.30
N PHE A 87 18.59 7.74 -16.03
CA PHE A 87 18.25 7.33 -14.69
C PHE A 87 19.31 6.40 -14.11
N HIS A 88 19.75 6.70 -12.88
CA HIS A 88 20.50 5.77 -12.07
C HIS A 88 20.24 6.04 -10.59
N GLY A 89 20.26 4.98 -9.77
CA GLY A 89 20.08 5.13 -8.34
C GLY A 89 18.90 4.34 -7.82
N LEU A 90 17.79 4.34 -8.58
CA LEU A 90 16.62 3.54 -8.29
C LEU A 90 16.36 2.56 -9.42
N LEU A 91 16.00 3.09 -10.59
CA LEU A 91 15.79 2.30 -11.79
C LEU A 91 16.86 2.71 -12.80
N PRO A 92 17.49 1.77 -13.53
CA PRO A 92 18.32 2.10 -14.67
C PRO A 92 17.49 2.32 -15.93
N GLY A 93 17.92 3.28 -16.74
CA GLY A 93 17.29 3.58 -18.01
C GLY A 93 17.42 5.05 -18.37
N PHE A 94 16.48 5.53 -19.18
CA PHE A 94 16.56 6.90 -19.66
C PHE A 94 15.19 7.38 -20.15
N LEU A 95 15.09 8.70 -20.24
CA LEU A 95 13.91 9.40 -20.73
C LEU A 95 14.25 9.95 -22.11
N VAL A 96 13.44 9.61 -23.11
CA VAL A 96 13.75 9.99 -24.48
C VAL A 96 12.53 10.66 -25.11
N LYS A 97 12.78 11.79 -25.76
CA LYS A 97 11.80 12.45 -26.62
C LYS A 97 12.04 11.95 -28.05
N MET A 98 11.05 11.20 -28.58
CA MET A 98 11.16 10.60 -29.90
C MET A 98 9.77 10.20 -30.40
N SER A 99 9.65 10.06 -31.73
CA SER A 99 8.45 9.48 -32.32
C SER A 99 8.23 8.07 -31.78
N GLY A 100 6.96 7.76 -31.50
CA GLY A 100 6.57 6.40 -31.14
C GLY A 100 6.86 5.40 -32.25
N ASP A 101 7.08 5.88 -33.49
CA ASP A 101 7.44 4.97 -34.57
C ASP A 101 8.63 4.09 -34.20
N LEU A 102 9.51 4.60 -33.31
CA LEU A 102 10.79 3.96 -33.01
C LEU A 102 10.68 2.91 -31.90
N LEU A 103 9.46 2.64 -31.43
CA LEU A 103 9.30 1.80 -30.25
C LEU A 103 9.71 0.36 -30.52
N GLU A 104 9.37 -0.21 -31.68
CA GLU A 104 9.76 -1.58 -32.03
CA GLU A 104 9.76 -1.60 -31.94
C GLU A 104 11.28 -1.68 -31.99
N LEU A 105 11.92 -0.68 -32.60
CA LEU A 105 13.37 -0.60 -32.59
C LEU A 105 13.90 -0.53 -31.16
N ALA A 106 13.31 0.36 -30.34
CA ALA A 106 13.80 0.60 -28.99
C ALA A 106 13.64 -0.64 -28.11
N LEU A 107 12.57 -1.42 -28.35
CA LEU A 107 12.28 -2.61 -27.55
C LEU A 107 13.31 -3.71 -27.82
N LYS A 108 14.03 -3.63 -28.95
CA LYS A 108 15.07 -4.58 -29.29
C LYS A 108 16.45 -4.16 -28.78
N LEU A 109 16.59 -2.98 -28.16
CA LEU A 109 17.87 -2.55 -27.62
C LEU A 109 18.33 -3.51 -26.53
N PRO A 110 19.65 -3.65 -26.28
CA PRO A 110 20.14 -4.54 -25.23
C PRO A 110 19.74 -3.99 -23.87
N HIS A 111 19.42 -4.89 -22.93
CA HIS A 111 19.17 -4.56 -21.52
C HIS A 111 17.74 -4.07 -21.27
N VAL A 112 16.92 -3.89 -22.31
CA VAL A 112 15.61 -3.26 -22.11
C VAL A 112 14.68 -4.24 -21.38
N ASP A 113 14.02 -3.72 -20.33
CA ASP A 113 13.04 -4.47 -19.58
C ASP A 113 11.66 -4.11 -20.14
N TYR A 114 11.33 -2.81 -20.13
CA TYR A 114 10.09 -2.34 -20.73
C TYR A 114 10.22 -0.85 -21.01
N ILE A 115 9.25 -0.33 -21.79
CA ILE A 115 9.17 1.07 -22.13
C ILE A 115 7.78 1.56 -21.78
N GLU A 116 7.72 2.73 -21.15
CA GLU A 116 6.44 3.33 -20.77
C GLU A 116 6.35 4.74 -21.33
N GLU A 117 5.23 5.01 -22.01
CA GLU A 117 4.90 6.37 -22.43
C GLU A 117 4.67 7.23 -21.19
N ASP A 118 5.23 8.45 -21.19
CA ASP A 118 5.03 9.38 -20.09
C ASP A 118 3.54 9.69 -19.98
N SER A 119 3.12 10.09 -18.78
CA SER A 119 1.73 10.43 -18.50
C SER A 119 1.67 11.47 -17.38
N SER A 120 0.48 12.03 -17.17
CA SER A 120 0.25 13.10 -16.22
C SER A 120 0.00 12.57 -14.81
N VAL A 121 0.39 13.37 -13.82
CA VAL A 121 -0.03 13.21 -12.43
C VAL A 121 -0.61 14.55 -11.99
N PHE A 122 -1.43 14.51 -10.92
CA PHE A 122 -2.21 15.66 -10.47
C PHE A 122 -2.23 15.76 -8.95
N ALA A 123 -2.18 17.01 -8.46
CA ALA A 123 -2.38 17.32 -7.06
C ALA A 123 -3.70 16.72 -6.57
N GLN A 124 -3.65 16.02 -5.42
CA GLN A 124 -4.85 15.45 -4.83
C GLN A 124 -5.30 16.28 -3.61
N SER B 1 -8.23 26.69 20.63
CA SER B 1 -9.20 25.73 20.01
C SER B 1 -8.44 24.78 19.09
N ILE B 2 -8.66 23.47 19.25
CA ILE B 2 -7.94 22.47 18.49
C ILE B 2 -8.70 22.17 17.20
N PRO B 3 -8.06 22.26 16.01
CA PRO B 3 -8.70 21.83 14.76
C PRO B 3 -9.20 20.40 14.94
N TRP B 4 -10.40 20.12 14.42
CA TRP B 4 -11.07 18.83 14.61
C TRP B 4 -10.14 17.66 14.23
N ASN B 5 -9.35 17.87 13.18
CA ASN B 5 -8.54 16.82 12.59
C ASN B 5 -7.38 16.44 13.52
N LEU B 6 -6.80 17.43 14.20
CA LEU B 6 -5.70 17.16 15.13
C LEU B 6 -6.25 16.46 16.38
N GLU B 7 -7.49 16.80 16.79
CA GLU B 7 -8.13 16.10 17.88
C GLU B 7 -8.44 14.66 17.48
N ARG B 8 -8.81 14.44 16.22
CA ARG B 8 -9.29 13.14 15.76
C ARG B 8 -8.15 12.11 15.80
N ILE B 9 -6.90 12.55 15.59
CA ILE B 9 -5.76 11.65 15.55
C ILE B 9 -5.11 11.51 16.93
N THR B 10 -5.63 12.24 17.93
CA THR B 10 -5.22 12.09 19.31
C THR B 10 -5.93 10.86 19.87
N PRO B 11 -5.19 9.87 20.42
CA PRO B 11 -5.83 8.66 20.95
C PRO B 11 -6.48 8.91 22.30
N PRO B 12 -7.34 7.96 22.77
CA PRO B 12 -8.12 8.14 23.99
C PRO B 12 -7.33 8.34 25.29
N ARG B 13 -6.06 7.94 25.28
CA ARG B 13 -5.12 8.25 26.35
C ARG B 13 -3.85 8.81 25.72
N TYR B 14 -3.56 10.08 25.98
CA TYR B 14 -2.44 10.75 25.36
C TYR B 14 -1.68 11.55 26.41
N ARG B 15 -0.42 11.90 26.09
CA ARG B 15 0.47 12.62 26.98
C ARG B 15 1.04 13.84 26.26
N GLY B 24 8.93 13.91 17.95
CA GLY B 24 8.24 15.03 17.29
C GLY B 24 8.65 15.20 15.82
N GLY B 25 9.30 14.16 15.26
CA GLY B 25 9.78 14.15 13.89
C GLY B 25 11.14 14.84 13.71
N SER B 26 11.99 14.83 14.74
CA SER B 26 13.19 15.67 14.79
C SER B 26 14.40 14.97 14.19
N LEU B 27 14.60 13.67 14.50
CA LEU B 27 15.64 12.94 13.80
C LEU B 27 15.11 12.39 12.48
N VAL B 28 13.87 12.73 12.13
CA VAL B 28 13.26 12.32 10.87
C VAL B 28 13.23 13.52 9.93
N GLU B 29 13.40 13.25 8.63
CA GLU B 29 13.15 14.26 7.61
C GLU B 29 11.99 13.81 6.72
N VAL B 30 11.11 14.76 6.39
CA VAL B 30 9.99 14.50 5.50
C VAL B 30 10.25 15.22 4.18
N TYR B 31 10.33 14.46 3.10
CA TYR B 31 10.35 15.01 1.76
C TYR B 31 8.94 15.21 1.24
N LEU B 32 8.72 16.34 0.55
CA LEU B 32 7.43 16.64 -0.05
C LEU B 32 7.66 16.84 -1.55
N LEU B 33 6.94 16.07 -2.38
CA LEU B 33 6.98 16.27 -3.82
C LEU B 33 5.63 16.87 -4.23
N ASP B 34 5.63 18.17 -4.56
CA ASP B 34 4.37 18.87 -4.75
C ASP B 34 4.57 20.11 -5.63
N THR B 35 3.68 21.09 -5.45
CA THR B 35 3.81 22.41 -6.06
C THR B 35 4.96 23.16 -5.39
N SER B 36 5.24 24.37 -5.89
CA SER B 36 6.09 25.30 -5.18
C SER B 36 5.45 25.63 -3.83
N ILE B 37 6.26 26.08 -2.88
CA ILE B 37 5.77 26.39 -1.54
C ILE B 37 6.20 27.81 -1.18
N GLN B 38 5.42 28.45 -0.30
CA GLN B 38 5.83 29.71 0.32
C GLN B 38 6.56 29.37 1.61
N SER B 39 7.88 29.24 1.51
CA SER B 39 8.69 28.69 2.59
C SER B 39 8.88 29.68 3.74
N ASP B 40 8.54 30.96 3.53
CA ASP B 40 8.65 31.95 4.60
C ASP B 40 7.30 32.14 5.32
N HIS B 41 6.30 31.30 5.03
CA HIS B 41 5.07 31.32 5.80
C HIS B 41 5.42 31.02 7.26
N ARG B 42 4.77 31.71 8.21
CA ARG B 42 5.15 31.62 9.62
C ARG B 42 4.88 30.22 10.20
N GLU B 43 3.97 29.46 9.59
CA GLU B 43 3.71 28.08 10.02
C GLU B 43 4.95 27.21 9.86
N ILE B 44 5.77 27.47 8.82
CA ILE B 44 6.78 26.52 8.38
C ILE B 44 8.15 27.17 8.21
N GLU B 45 8.24 28.50 8.32
CA GLU B 45 9.50 29.21 8.12
C GLU B 45 10.56 28.61 9.04
N GLY B 46 11.74 28.33 8.46
CA GLY B 46 12.86 27.78 9.20
C GLY B 46 12.81 26.25 9.34
N ARG B 47 11.67 25.65 9.00
CA ARG B 47 11.45 24.21 9.17
C ARG B 47 11.49 23.47 7.84
N VAL B 48 11.09 24.16 6.77
CA VAL B 48 11.01 23.57 5.44
C VAL B 48 12.12 24.17 4.58
N MET B 49 12.99 23.30 4.06
CA MET B 49 14.03 23.71 3.13
C MET B 49 13.57 23.39 1.70
N VAL B 50 13.58 24.42 0.84
CA VAL B 50 13.25 24.28 -0.57
C VAL B 50 14.50 23.81 -1.30
N THR B 51 14.44 22.63 -1.94
CA THR B 51 15.61 22.08 -2.61
C THR B 51 15.90 22.84 -3.91
N ASP B 52 14.86 23.46 -4.46
CA ASP B 52 14.84 24.06 -5.79
C ASP B 52 15.00 23.01 -6.89
N PHE B 53 14.86 21.72 -6.56
CA PHE B 53 14.59 20.74 -7.60
C PHE B 53 13.26 21.10 -8.23
N GLU B 54 13.23 21.16 -9.57
CA GLU B 54 12.02 21.46 -10.31
CA GLU B 54 12.03 21.47 -10.33
C GLU B 54 12.00 20.60 -11.57
N ASN B 55 10.88 19.86 -11.77
CA ASN B 55 10.64 19.18 -13.03
C ASN B 55 9.13 19.15 -13.26
N VAL B 56 8.65 20.12 -14.05
CA VAL B 56 7.22 20.33 -14.21
C VAL B 56 6.91 20.59 -15.68
N PRO B 57 5.71 20.18 -16.16
CA PRO B 57 5.28 20.48 -17.52
C PRO B 57 4.75 21.91 -17.60
N GLU B 58 4.62 22.42 -18.84
CA GLU B 58 4.16 23.79 -19.07
C GLU B 58 2.69 23.90 -18.69
N GLU B 59 2.27 25.14 -18.40
CA GLU B 59 1.01 25.43 -17.75
C GLU B 59 -0.17 25.20 -18.69
N ALA B 68 2.07 33.48 -7.80
CA ALA B 68 2.77 32.85 -6.67
C ALA B 68 1.75 32.33 -5.65
N SER B 69 0.84 33.22 -5.25
CA SER B 69 -0.23 32.91 -4.30
C SER B 69 -0.95 31.61 -4.69
N LYS B 70 -1.32 31.47 -5.98
CA LYS B 70 -2.08 30.31 -6.44
C LYS B 70 -1.15 29.14 -6.76
N CYS B 71 0.02 29.42 -7.37
CA CYS B 71 0.98 28.37 -7.72
C CYS B 71 1.41 27.58 -6.48
N ASP B 72 1.47 28.25 -5.32
CA ASP B 72 2.08 27.73 -4.10
C ASP B 72 1.03 27.17 -3.14
N SER B 73 -0.26 27.23 -3.51
CA SER B 73 -1.36 26.97 -2.59
C SER B 73 -1.31 25.55 -2.02
N HIS B 74 -1.17 24.55 -2.90
CA HIS B 74 -1.33 23.16 -2.52
C HIS B 74 -0.19 22.73 -1.59
N GLY B 75 1.04 22.90 -2.08
CA GLY B 75 2.24 22.53 -1.35
C GLY B 75 2.39 23.26 -0.03
N THR B 76 2.05 24.56 0.02
CA THR B 76 2.19 25.33 1.24
C THR B 76 1.26 24.76 2.32
N HIS B 77 0.02 24.43 1.94
CA HIS B 77 -0.95 23.85 2.86
C HIS B 77 -0.47 22.51 3.43
N LEU B 78 0.06 21.63 2.58
CA LEU B 78 0.48 20.31 2.98
C LEU B 78 1.73 20.35 3.86
N ALA B 79 2.66 21.27 3.57
CA ALA B 79 3.81 21.49 4.44
C ALA B 79 3.32 21.85 5.84
N GLY B 80 2.29 22.72 5.90
CA GLY B 80 1.67 23.13 7.15
C GLY B 80 0.98 22.01 7.90
N VAL B 81 0.24 21.14 7.18
CA VAL B 81 -0.41 19.99 7.81
C VAL B 81 0.61 19.05 8.44
N VAL B 82 1.72 18.79 7.75
CA VAL B 82 2.75 17.91 8.29
C VAL B 82 3.43 18.57 9.49
N SER B 83 3.87 19.82 9.36
CA SER B 83 4.87 20.37 10.27
C SER B 83 4.55 21.76 10.83
N GLY B 84 3.38 22.31 10.53
CA GLY B 84 3.07 23.68 10.91
C GLY B 84 3.09 23.91 12.43
N ARG B 85 3.61 25.08 12.84
CA ARG B 85 3.76 25.48 14.24
C ARG B 85 2.46 25.36 15.02
N ASP B 86 1.38 25.91 14.46
CA ASP B 86 0.09 25.98 15.11
C ASP B 86 -0.80 24.80 14.73
N ALA B 87 -0.83 24.45 13.43
CA ALA B 87 -1.86 23.56 12.91
C ALA B 87 -1.27 22.27 12.34
N GLY B 88 0.00 21.97 12.62
CA GLY B 88 0.67 20.80 12.07
C GLY B 88 0.53 19.58 12.96
N VAL B 89 0.73 18.40 12.37
CA VAL B 89 0.66 17.12 13.05
C VAL B 89 1.96 16.89 13.81
N ALA B 90 3.09 17.01 13.11
CA ALA B 90 4.42 16.84 13.69
C ALA B 90 5.08 18.21 13.77
N LYS B 91 4.60 19.01 14.74
CA LYS B 91 4.96 20.42 14.86
C LYS B 91 6.48 20.54 14.88
N GLY B 92 7.00 21.42 14.02
CA GLY B 92 8.42 21.72 14.02
C GLY B 92 9.25 20.78 13.15
N ALA B 93 8.67 19.66 12.68
CA ALA B 93 9.44 18.62 12.00
C ALA B 93 10.12 19.21 10.77
N SER B 94 11.26 18.60 10.38
CA SER B 94 12.07 19.07 9.26
C SER B 94 11.50 18.54 7.94
N MET B 95 11.42 19.42 6.95
CA MET B 95 10.93 19.04 5.64
C MET B 95 11.87 19.55 4.55
N ARG B 96 11.91 18.81 3.44
CA ARG B 96 12.54 19.28 2.21
C ARG B 96 11.52 19.16 1.09
N SER B 97 11.42 20.21 0.26
CA SER B 97 10.40 20.25 -0.78
C SER B 97 11.04 20.16 -2.16
N LEU B 98 10.45 19.31 -3.01
CA LEU B 98 10.76 19.21 -4.43
C LEU B 98 9.52 19.64 -5.22
N ARG B 99 9.73 20.40 -6.30
CA ARG B 99 8.61 20.84 -7.12
C ARG B 99 8.43 19.90 -8.32
N VAL B 100 7.35 19.12 -8.31
CA VAL B 100 7.02 18.25 -9.44
C VAL B 100 5.62 18.55 -9.98
N LEU B 101 4.92 19.54 -9.39
CA LEU B 101 3.62 19.98 -9.89
C LEU B 101 3.71 21.46 -10.28
N ASN B 102 3.16 21.80 -11.45
CA ASN B 102 3.15 23.16 -11.95
C ASN B 102 2.08 23.97 -11.22
N CYS B 103 1.84 25.21 -11.70
CA CYS B 103 0.92 26.13 -11.07
C CYS B 103 -0.53 25.65 -11.12
N GLN B 104 -0.85 24.75 -12.06
CA GLN B 104 -2.18 24.15 -12.14
C GLN B 104 -2.24 22.81 -11.38
N GLY B 105 -1.18 22.45 -10.66
CA GLY B 105 -1.14 21.20 -9.90
C GLY B 105 -0.93 19.97 -10.79
N LYS B 106 -0.34 20.16 -11.98
CA LYS B 106 -0.12 19.09 -12.93
C LYS B 106 1.37 18.79 -13.04
N GLY B 107 1.69 17.48 -13.07
CA GLY B 107 3.05 17.01 -13.22
C GLY B 107 3.11 15.84 -14.21
N THR B 108 4.28 15.19 -14.27
CA THR B 108 4.46 14.02 -15.11
C THR B 108 5.00 12.87 -14.27
N VAL B 109 4.79 11.65 -14.75
CA VAL B 109 5.42 10.47 -14.18
C VAL B 109 6.94 10.64 -14.26
N SER B 110 7.48 11.07 -15.41
CA SER B 110 8.92 11.17 -15.55
C SER B 110 9.51 12.15 -14.54
N GLY B 111 8.85 13.29 -14.34
CA GLY B 111 9.29 14.28 -13.37
C GLY B 111 9.27 13.73 -11.95
N THR B 112 8.22 12.99 -11.60
CA THR B 112 8.13 12.35 -10.30
C THR B 112 9.28 11.35 -10.12
N LEU B 113 9.55 10.53 -11.14
CA LEU B 113 10.66 9.58 -11.12
C LEU B 113 11.98 10.30 -10.81
N ILE B 114 12.22 11.40 -11.53
CA ILE B 114 13.46 12.14 -11.39
C ILE B 114 13.54 12.69 -9.97
N GLY B 115 12.40 13.13 -9.42
CA GLY B 115 12.33 13.62 -8.05
C GLY B 115 12.69 12.54 -7.03
N LEU B 116 12.12 11.34 -7.21
CA LEU B 116 12.37 10.22 -6.32
C LEU B 116 13.85 9.85 -6.37
N GLU B 117 14.41 9.87 -7.58
CA GLU B 117 15.81 9.59 -7.77
C GLU B 117 16.67 10.64 -7.06
N PHE B 118 16.28 11.92 -7.17
CA PHE B 118 16.97 13.01 -6.50
C PHE B 118 17.07 12.76 -4.99
N ILE B 119 15.99 12.26 -4.39
CA ILE B 119 15.94 11.99 -2.97
C ILE B 119 16.96 10.90 -2.61
N ARG B 120 17.00 9.82 -3.38
CA ARG B 120 17.90 8.70 -3.12
C ARG B 120 19.36 9.15 -3.25
N LYS B 121 19.65 9.97 -4.26
CA LYS B 121 21.00 10.49 -4.48
C LYS B 121 21.43 11.38 -3.31
N SER B 122 20.52 12.25 -2.83
CA SER B 122 20.79 13.11 -1.69
C SER B 122 21.17 12.29 -0.46
N GLN B 123 20.43 11.21 -0.22
CA GLN B 123 20.65 10.35 0.94
C GLN B 123 22.02 9.67 0.85
N LEU B 124 22.39 9.19 -0.33
CA LEU B 124 23.67 8.51 -0.52
C LEU B 124 24.84 9.47 -0.25
N VAL B 125 24.67 10.73 -0.66
CA VAL B 125 25.72 11.75 -0.59
C VAL B 125 25.87 12.25 0.84
N GLN B 126 24.73 12.43 1.53
CA GLN B 126 24.72 12.93 2.90
C GLN B 126 23.68 12.15 3.71
N PRO B 127 24.03 10.96 4.24
CA PRO B 127 23.10 10.15 5.01
C PRO B 127 22.63 10.86 6.26
N VAL B 128 21.33 10.70 6.58
CA VAL B 128 20.75 11.21 7.81
C VAL B 128 20.01 10.05 8.49
N GLY B 129 18.89 10.33 9.15
CA GLY B 129 18.14 9.28 9.82
C GLY B 129 17.00 8.75 8.95
N PRO B 130 15.89 8.28 9.55
CA PRO B 130 14.71 7.85 8.80
C PRO B 130 14.20 8.95 7.87
N LEU B 131 13.76 8.55 6.67
CA LEU B 131 13.17 9.46 5.70
C LEU B 131 11.72 9.06 5.45
N VAL B 132 10.82 10.04 5.47
CA VAL B 132 9.46 9.87 5.01
C VAL B 132 9.29 10.71 3.74
N VAL B 133 8.74 10.10 2.68
CA VAL B 133 8.48 10.80 1.43
C VAL B 133 6.98 10.89 1.22
N LEU B 134 6.46 12.12 1.18
CA LEU B 134 5.05 12.35 0.95
C LEU B 134 4.83 12.68 -0.53
N LEU B 135 3.95 11.89 -1.15
CA LEU B 135 3.55 12.00 -2.55
C LEU B 135 2.06 12.30 -2.63
N PRO B 136 1.65 13.57 -2.50
CA PRO B 136 0.24 13.93 -2.49
C PRO B 136 -0.31 14.15 -3.90
N LEU B 137 -0.07 13.16 -4.77
CA LEU B 137 -0.40 13.25 -6.18
C LEU B 137 -0.82 11.88 -6.69
N ALA B 138 -1.46 11.86 -7.86
CA ALA B 138 -1.89 10.62 -8.47
C ALA B 138 -2.05 10.79 -9.98
N GLY B 139 -1.66 9.75 -10.70
CA GLY B 139 -2.03 9.57 -12.10
C GLY B 139 -2.60 8.16 -12.28
N GLY B 140 -2.69 7.71 -13.54
CA GLY B 140 -3.14 6.36 -13.83
C GLY B 140 -2.10 5.34 -13.37
N TYR B 141 -2.53 4.08 -13.24
CA TYR B 141 -1.62 2.98 -12.97
C TYR B 141 -0.40 3.12 -13.87
N SER B 142 0.80 3.06 -13.25
CA SER B 142 2.07 3.23 -13.91
C SER B 142 3.02 2.14 -13.42
N ARG B 143 3.38 1.22 -14.33
CA ARG B 143 4.36 0.22 -14.02
C ARG B 143 5.65 0.86 -13.48
N VAL B 144 6.16 1.90 -14.16
CA VAL B 144 7.46 2.45 -13.80
C VAL B 144 7.41 3.21 -12.48
N LEU B 145 6.35 4.01 -12.26
CA LEU B 145 6.25 4.76 -11.01
C LEU B 145 6.13 3.80 -9.84
N ASN B 146 5.34 2.73 -10.01
CA ASN B 146 5.18 1.72 -8.98
C ASN B 146 6.52 1.04 -8.69
N ALA B 147 7.30 0.73 -9.74
CA ALA B 147 8.59 0.08 -9.57
C ALA B 147 9.59 1.00 -8.84
N ALA B 148 9.62 2.30 -9.19
CA ALA B 148 10.52 3.25 -8.57
C ALA B 148 10.19 3.42 -7.09
N CYS B 149 8.89 3.47 -6.76
CA CYS B 149 8.44 3.56 -5.38
C CYS B 149 8.84 2.33 -4.58
N GLN B 150 8.62 1.14 -5.16
CA GLN B 150 9.00 -0.11 -4.52
C GLN B 150 10.51 -0.15 -4.27
N ARG B 151 11.32 0.30 -5.24
CA ARG B 151 12.78 0.29 -5.09
C ARG B 151 13.21 1.23 -3.97
N LEU B 152 12.56 2.41 -3.89
CA LEU B 152 12.93 3.37 -2.87
C LEU B 152 12.52 2.85 -1.49
N ALA B 153 11.38 2.16 -1.40
CA ALA B 153 10.94 1.53 -0.16
C ALA B 153 11.92 0.43 0.25
N ARG B 154 12.34 -0.40 -0.72
CA ARG B 154 13.26 -1.49 -0.43
C ARG B 154 14.63 -0.95 -0.02
N ALA B 155 14.98 0.26 -0.48
CA ALA B 155 16.22 0.90 -0.09
C ALA B 155 16.16 1.44 1.34
N GLY B 156 14.97 1.43 1.96
CA GLY B 156 14.79 1.77 3.38
C GLY B 156 14.04 3.08 3.65
N VAL B 157 13.37 3.64 2.63
CA VAL B 157 12.68 4.91 2.75
C VAL B 157 11.18 4.65 2.89
N VAL B 158 10.49 5.47 3.70
CA VAL B 158 9.06 5.31 3.92
C VAL B 158 8.30 6.25 2.98
N LEU B 159 7.42 5.69 2.16
CA LEU B 159 6.62 6.46 1.23
C LEU B 159 5.16 6.47 1.65
N VAL B 160 4.56 7.66 1.62
CA VAL B 160 3.16 7.88 1.96
C VAL B 160 2.53 8.60 0.78
N THR B 161 1.38 8.10 0.31
CA THR B 161 0.74 8.66 -0.87
C THR B 161 -0.76 8.84 -0.67
N ALA B 162 -1.32 9.80 -1.42
CA ALA B 162 -2.75 10.00 -1.54
C ALA B 162 -3.38 8.80 -2.26
N ALA B 163 -4.53 8.34 -1.75
CA ALA B 163 -5.29 7.30 -2.44
C ALA B 163 -5.83 7.80 -3.78
N GLY B 164 -6.08 9.11 -3.88
CA GLY B 164 -6.70 9.69 -5.06
C GLY B 164 -8.13 10.13 -4.78
N ASN B 165 -8.61 11.11 -5.56
CA ASN B 165 -9.86 11.81 -5.31
C ASN B 165 -10.91 11.47 -6.38
N PHE B 166 -10.93 10.22 -6.85
CA PHE B 166 -11.71 9.87 -8.03
C PHE B 166 -12.91 8.97 -7.70
N ARG B 167 -13.20 8.77 -6.41
CA ARG B 167 -14.27 7.91 -5.93
C ARG B 167 -14.20 6.59 -6.70
N ASP B 168 -12.99 6.01 -6.71
CA ASP B 168 -12.68 4.86 -7.55
C ASP B 168 -11.74 3.93 -6.77
N ASP B 169 -11.47 2.78 -7.38
CA ASP B 169 -10.52 1.81 -6.86
C ASP B 169 -9.10 2.38 -6.96
N ALA B 170 -8.42 2.56 -5.82
CA ALA B 170 -7.07 3.10 -5.79
C ALA B 170 -6.05 2.24 -6.55
N CYS B 171 -6.37 0.96 -6.78
CA CYS B 171 -5.47 0.06 -7.51
C CYS B 171 -5.33 0.48 -8.99
N LEU B 172 -6.19 1.35 -9.49
CA LEU B 172 -6.12 1.81 -10.88
C LEU B 172 -5.30 3.10 -11.01
N TYR B 173 -4.66 3.53 -9.92
CA TYR B 173 -3.92 4.79 -9.87
C TYR B 173 -2.55 4.54 -9.28
N SER B 174 -1.61 5.43 -9.62
CA SER B 174 -0.24 5.40 -9.13
C SER B 174 0.17 6.77 -8.63
N PRO B 175 0.99 6.90 -7.57
CA PRO B 175 1.53 5.74 -6.84
C PRO B 175 0.67 5.02 -5.81
N ALA B 176 -0.62 5.38 -5.71
CA ALA B 176 -1.58 4.73 -4.82
C ALA B 176 -1.49 3.21 -4.87
N SER B 177 -1.30 2.65 -6.07
CA SER B 177 -1.36 1.20 -6.25
C SER B 177 -0.03 0.53 -5.91
N ALA B 178 1.01 1.33 -5.62
CA ALA B 178 2.36 0.82 -5.59
C ALA B 178 2.52 -0.16 -4.44
N PRO B 179 3.24 -1.28 -4.66
CA PRO B 179 3.63 -2.15 -3.56
C PRO B 179 4.56 -1.36 -2.64
N GLU B 180 4.29 -1.41 -1.34
CA GLU B 180 5.22 -0.97 -0.31
C GLU B 180 5.06 0.51 0.03
N VAL B 181 4.05 1.19 -0.53
CA VAL B 181 3.77 2.57 -0.18
CA VAL B 181 3.75 2.58 -0.21
C VAL B 181 2.52 2.58 0.70
N ILE B 182 2.52 3.47 1.69
CA ILE B 182 1.35 3.63 2.54
C ILE B 182 0.38 4.57 1.83
N THR B 183 -0.80 4.04 1.48
CA THR B 183 -1.79 4.75 0.68
C THR B 183 -2.96 5.18 1.56
N VAL B 184 -3.33 6.48 1.50
CA VAL B 184 -4.20 7.06 2.50
C VAL B 184 -5.44 7.68 1.85
N GLY B 185 -6.61 7.21 2.29
CA GLY B 185 -7.89 7.79 1.94
C GLY B 185 -8.30 8.88 2.92
N ALA B 186 -9.36 9.62 2.57
CA ALA B 186 -9.80 10.79 3.31
C ALA B 186 -11.14 10.54 3.97
N THR B 187 -11.23 10.86 5.28
CA THR B 187 -12.46 10.84 6.03
C THR B 187 -12.73 12.23 6.60
N ASN B 188 -14.01 12.48 6.94
CA ASN B 188 -14.46 13.77 7.42
C ASN B 188 -14.71 13.71 8.92
N ALA B 189 -15.27 14.80 9.46
CA ALA B 189 -15.44 14.95 10.91
C ALA B 189 -16.45 13.94 11.46
N GLN B 190 -17.29 13.36 10.59
CA GLN B 190 -18.20 12.29 11.00
C GLN B 190 -17.58 10.90 10.76
N ASP B 191 -16.26 10.86 10.53
CA ASP B 191 -15.51 9.65 10.20
C ASP B 191 -16.08 8.96 8.97
N GLN B 192 -16.70 9.72 8.06
CA GLN B 192 -17.22 9.14 6.82
C GLN B 192 -16.29 9.52 5.66
N PRO B 193 -16.28 8.73 4.56
CA PRO B 193 -15.42 9.00 3.41
C PRO B 193 -15.81 10.33 2.76
N VAL B 194 -14.81 11.11 2.32
CA VAL B 194 -14.99 12.48 1.89
C VAL B 194 -15.56 12.50 0.47
N THR B 195 -16.65 13.28 0.30
CA THR B 195 -17.17 13.63 -1.01
C THR B 195 -16.45 14.88 -1.50
N LEU B 196 -16.07 14.89 -2.78
CA LEU B 196 -15.37 16.00 -3.42
C LEU B 196 -16.07 16.28 -4.75
N GLY B 197 -17.05 17.20 -4.71
CA GLY B 197 -17.94 17.40 -5.84
C GLY B 197 -18.78 16.14 -6.12
N THR B 198 -18.69 15.65 -7.35
CA THR B 198 -19.34 14.40 -7.76
C THR B 198 -18.40 13.21 -7.54
N LEU B 199 -17.17 13.47 -7.10
CA LEU B 199 -16.24 12.37 -6.82
C LEU B 199 -15.98 12.33 -5.32
N GLY B 200 -14.74 12.01 -4.90
CA GLY B 200 -14.46 11.79 -3.50
C GLY B 200 -13.27 10.85 -3.32
N THR B 201 -13.04 10.44 -2.08
CA THR B 201 -11.89 9.60 -1.78
C THR B 201 -11.99 8.29 -2.56
N ASN B 202 -10.82 7.81 -3.00
CA ASN B 202 -10.68 6.46 -3.50
C ASN B 202 -10.76 5.45 -2.34
N PHE B 203 -10.87 4.18 -2.71
CA PHE B 203 -11.09 3.10 -1.77
C PHE B 203 -10.49 1.80 -2.34
N GLY B 204 -10.77 0.67 -1.68
CA GLY B 204 -10.33 -0.64 -2.17
C GLY B 204 -9.07 -1.13 -1.48
N ARG B 205 -8.54 -2.27 -1.97
CA ARG B 205 -7.53 -3.02 -1.24
C ARG B 205 -6.15 -2.37 -1.29
N CYS B 206 -5.94 -1.37 -2.17
CA CYS B 206 -4.65 -0.70 -2.25
C CYS B 206 -4.58 0.46 -1.25
N VAL B 207 -5.70 0.77 -0.59
CA VAL B 207 -5.74 1.79 0.46
C VAL B 207 -5.40 1.11 1.79
N ASP B 208 -4.42 1.65 2.52
CA ASP B 208 -3.95 1.08 3.76
C ASP B 208 -4.81 1.56 4.94
N LEU B 209 -5.18 2.84 4.92
CA LEU B 209 -6.02 3.41 5.96
C LEU B 209 -6.53 4.77 5.52
N PHE B 210 -7.43 5.33 6.33
CA PHE B 210 -7.97 6.66 6.11
C PHE B 210 -7.44 7.60 7.19
N ALA B 211 -7.54 8.90 6.91
CA ALA B 211 -7.15 9.92 7.87
C ALA B 211 -7.95 11.20 7.55
N PRO B 212 -8.04 12.17 8.49
CA PRO B 212 -8.79 13.40 8.24
C PRO B 212 -8.37 14.09 6.94
N GLY B 213 -9.37 14.32 6.07
CA GLY B 213 -9.11 14.90 4.76
C GLY B 213 -10.23 15.81 4.26
N GLU B 214 -11.04 16.36 5.19
CA GLU B 214 -12.02 17.38 4.85
C GLU B 214 -11.91 18.54 5.82
N ASP B 215 -11.98 19.77 5.30
CA ASP B 215 -12.01 20.96 6.13
C ASP B 215 -10.78 20.97 7.05
N ILE B 216 -9.60 20.88 6.44
CA ILE B 216 -8.34 20.80 7.15
C ILE B 216 -7.67 22.17 7.10
N ILE B 217 -7.60 22.82 8.27
CA ILE B 217 -6.98 24.14 8.35
C ILE B 217 -5.47 24.01 8.23
N GLY B 218 -4.85 24.94 7.51
CA GLY B 218 -3.40 24.96 7.37
C GLY B 218 -2.94 26.22 6.63
N ALA B 219 -1.61 26.35 6.51
CA ALA B 219 -0.96 27.51 5.94
C ALA B 219 -1.53 27.85 4.57
N SER B 220 -1.91 29.12 4.41
CA SER B 220 -2.37 29.67 3.15
C SER B 220 -1.26 30.52 2.55
N SER B 221 -0.95 30.30 1.27
CA SER B 221 0.07 31.07 0.58
C SER B 221 -0.43 32.48 0.22
N ASP B 222 -1.67 32.80 0.59
CA ASP B 222 -2.23 34.13 0.34
C ASP B 222 -1.47 35.20 1.13
N CYS B 223 -0.99 34.86 2.33
CA CYS B 223 -0.19 35.79 3.10
C CYS B 223 0.55 35.00 4.18
N SER B 224 1.63 35.59 4.73
CA SER B 224 2.59 34.85 5.54
C SER B 224 2.00 34.34 6.86
N THR B 225 0.83 34.86 7.28
CA THR B 225 0.20 34.39 8.51
C THR B 225 -1.25 33.96 8.26
N CYS B 226 -1.63 33.79 6.99
CA CYS B 226 -2.99 33.47 6.61
C CYS B 226 -3.20 31.94 6.70
N PHE B 227 -4.45 31.52 6.91
CA PHE B 227 -4.81 30.12 6.96
C PHE B 227 -5.99 29.85 6.03
N VAL B 228 -6.04 28.63 5.48
CA VAL B 228 -7.12 28.21 4.61
C VAL B 228 -7.45 26.75 4.94
N SER B 229 -8.73 26.42 4.74
CA SER B 229 -9.23 25.06 4.88
C SER B 229 -9.28 24.39 3.51
N GLN B 230 -8.67 23.19 3.40
CA GLN B 230 -8.66 22.43 2.17
C GLN B 230 -9.06 20.97 2.44
N SER B 231 -9.49 20.30 1.36
CA SER B 231 -9.98 18.92 1.44
C SER B 231 -9.30 18.08 0.37
N GLY B 232 -9.08 16.79 0.65
CA GLY B 232 -8.52 15.89 -0.34
C GLY B 232 -7.74 14.74 0.30
N THR B 233 -7.42 13.73 -0.51
CA THR B 233 -6.60 12.63 -0.03
C THR B 233 -5.15 13.10 0.19
N SER B 234 -4.74 14.22 -0.43
CA SER B 234 -3.46 14.85 -0.16
C SER B 234 -3.32 15.20 1.33
N GLN B 235 -4.36 15.87 1.86
CA GLN B 235 -4.38 16.33 3.25
C GLN B 235 -4.36 15.13 4.19
N ALA B 236 -5.13 14.09 3.84
CA ALA B 236 -5.17 12.86 4.59
C ALA B 236 -3.78 12.21 4.65
N ALA B 237 -3.11 12.09 3.50
CA ALA B 237 -1.77 11.51 3.44
C ALA B 237 -0.79 12.33 4.27
N ALA B 238 -0.95 13.65 4.28
CA ALA B 238 -0.08 14.53 5.06
C ALA B 238 -0.22 14.23 6.55
N HIS B 239 -1.43 13.88 7.01
CA HIS B 239 -1.62 13.47 8.40
C HIS B 239 -0.78 12.23 8.71
N VAL B 240 -0.83 11.24 7.82
CA VAL B 240 -0.15 9.97 8.07
C VAL B 240 1.36 10.17 7.94
N ALA B 241 1.81 11.06 7.04
CA ALA B 241 3.23 11.40 6.99
C ALA B 241 3.70 11.98 8.32
N GLY B 242 2.87 12.84 8.94
CA GLY B 242 3.18 13.43 10.22
C GLY B 242 3.18 12.40 11.35
N ILE B 243 2.19 11.51 11.38
CA ILE B 243 2.12 10.45 12.38
C ILE B 243 3.35 9.54 12.25
N ALA B 244 3.70 9.15 11.01
CA ALA B 244 4.84 8.32 10.75
C ALA B 244 6.14 8.98 11.24
N ALA B 245 6.26 10.30 10.99
CA ALA B 245 7.43 11.06 11.43
C ALA B 245 7.60 10.95 12.95
N MET B 246 6.48 11.05 13.67
CA MET B 246 6.52 11.02 15.12
C MET B 246 6.78 9.59 15.60
N MET B 247 6.19 8.59 14.94
CA MET B 247 6.43 7.21 15.31
C MET B 247 7.90 6.85 15.12
N LEU B 248 8.51 7.33 14.01
CA LEU B 248 9.89 6.99 13.70
C LEU B 248 10.86 7.80 14.56
N SER B 249 10.43 8.96 15.05
CA SER B 249 11.23 9.74 15.97
C SER B 249 11.35 9.00 17.30
N ALA B 250 10.25 8.41 17.77
CA ALA B 250 10.20 7.66 19.00
C ALA B 250 10.89 6.31 18.88
N GLU B 251 10.72 5.63 17.72
CA GLU B 251 11.26 4.30 17.48
C GLU B 251 11.99 4.28 16.14
N PRO B 252 13.21 4.86 16.05
CA PRO B 252 13.91 5.04 14.78
C PRO B 252 14.28 3.78 14.00
N GLU B 253 14.28 2.61 14.67
CA GLU B 253 14.68 1.35 14.06
C GLU B 253 13.51 0.64 13.38
N LEU B 254 12.27 1.15 13.47
CA LEU B 254 11.15 0.48 12.84
C LEU B 254 11.43 0.16 11.38
N THR B 255 11.18 -1.09 10.98
CA THR B 255 11.07 -1.45 9.58
C THR B 255 9.73 -0.94 9.03
N LEU B 256 9.60 -0.94 7.71
CA LEU B 256 8.34 -0.56 7.08
C LEU B 256 7.20 -1.46 7.60
N ALA B 257 7.45 -2.76 7.73
CA ALA B 257 6.41 -3.68 8.19
C ALA B 257 5.97 -3.34 9.62
N GLU B 258 6.94 -3.00 10.47
CA GLU B 258 6.66 -2.67 11.86
C GLU B 258 5.88 -1.36 11.95
N LEU B 259 6.24 -0.38 11.11
CA LEU B 259 5.57 0.91 11.06
C LEU B 259 4.12 0.73 10.59
N ARG B 260 3.92 -0.06 9.52
CA ARG B 260 2.60 -0.25 8.96
C ARG B 260 1.71 -0.97 9.97
N GLN B 261 2.27 -1.95 10.70
CA GLN B 261 1.50 -2.71 11.68
C GLN B 261 1.07 -1.80 12.83
N ARG B 262 1.91 -0.84 13.21
CA ARG B 262 1.55 0.12 14.24
C ARG B 262 0.49 1.11 13.75
N LEU B 263 0.62 1.62 12.52
CA LEU B 263 -0.40 2.50 11.96
C LEU B 263 -1.77 1.84 12.03
N ILE B 264 -1.83 0.56 11.64
CA ILE B 264 -3.07 -0.21 11.64
C ILE B 264 -3.55 -0.35 13.07
N HIS B 265 -2.65 -0.79 13.95
CA HIS B 265 -2.99 -1.14 15.32
C HIS B 265 -3.56 0.06 16.09
N PHE B 266 -2.98 1.25 15.90
CA PHE B 266 -3.35 2.43 16.67
C PHE B 266 -4.51 3.18 16.01
N SER B 267 -4.94 2.77 14.81
CA SER B 267 -6.07 3.38 14.13
C SER B 267 -7.35 3.13 14.90
N ALA B 268 -8.30 4.07 14.80
CA ALA B 268 -9.67 3.80 15.23
C ALA B 268 -10.28 2.80 14.24
N LYS B 269 -11.00 1.81 14.78
CA LYS B 269 -11.54 0.71 13.98
C LYS B 269 -13.05 0.86 13.82
N ASP B 270 -13.55 0.57 12.62
CA ASP B 270 -14.95 0.30 12.37
C ASP B 270 -15.81 1.55 12.59
N VAL B 271 -15.28 2.73 12.23
CA VAL B 271 -16.01 3.98 12.43
C VAL B 271 -16.59 4.47 11.11
N ILE B 272 -16.13 3.92 9.98
CA ILE B 272 -16.61 4.33 8.67
C ILE B 272 -17.84 3.49 8.30
N ASN B 273 -18.90 4.15 7.79
CA ASN B 273 -20.06 3.45 7.26
C ASN B 273 -19.71 2.96 5.85
N GLU B 274 -19.59 1.64 5.70
CA GLU B 274 -19.04 1.05 4.50
C GLU B 274 -20.04 1.11 3.33
N ALA B 275 -21.31 1.46 3.62
CA ALA B 275 -22.35 1.60 2.60
C ALA B 275 -21.97 2.67 1.58
N TRP B 276 -21.12 3.61 1.96
CA TRP B 276 -20.64 4.65 1.07
C TRP B 276 -19.87 4.06 -0.11
N PHE B 277 -19.17 2.95 0.13
CA PHE B 277 -18.35 2.34 -0.91
C PHE B 277 -19.21 1.42 -1.78
N PRO B 278 -18.84 1.19 -3.05
CA PRO B 278 -19.47 0.16 -3.86
C PRO B 278 -19.43 -1.20 -3.16
N GLU B 279 -20.46 -2.02 -3.40
CA GLU B 279 -20.69 -3.26 -2.68
C GLU B 279 -19.45 -4.14 -2.63
N ASP B 280 -18.81 -4.38 -3.78
CA ASP B 280 -17.73 -5.34 -3.85
C ASP B 280 -16.44 -4.80 -3.21
N GLN B 281 -16.38 -3.49 -2.96
CA GLN B 281 -15.17 -2.87 -2.42
C GLN B 281 -15.21 -2.85 -0.89
N ARG B 282 -16.36 -3.20 -0.29
CA ARG B 282 -16.53 -3.08 1.15
C ARG B 282 -15.62 -4.04 1.90
N VAL B 283 -15.51 -5.30 1.46
CA VAL B 283 -14.64 -6.27 2.11
C VAL B 283 -13.17 -5.91 1.91
N LEU B 284 -12.84 -5.20 0.83
CA LEU B 284 -11.44 -4.94 0.47
C LEU B 284 -10.90 -3.68 1.14
N THR B 285 -11.79 -2.78 1.60
CA THR B 285 -11.38 -1.47 2.08
C THR B 285 -11.19 -1.48 3.59
N PRO B 286 -10.00 -1.17 4.13
CA PRO B 286 -9.77 -1.18 5.58
C PRO B 286 -10.61 -0.12 6.28
N ASN B 287 -11.28 -0.54 7.36
CA ASN B 287 -12.10 0.36 8.14
C ASN B 287 -11.24 0.88 9.30
N LEU B 288 -10.37 1.83 8.97
CA LEU B 288 -9.32 2.35 9.84
C LEU B 288 -9.22 3.86 9.61
N VAL B 289 -9.24 4.64 10.71
CA VAL B 289 -8.91 6.04 10.68
C VAL B 289 -7.68 6.25 11.58
N ALA B 290 -6.62 6.82 10.99
CA ALA B 290 -5.31 6.95 11.61
C ALA B 290 -5.38 7.74 12.92
N ALA B 291 -4.47 7.38 13.81
CA ALA B 291 -4.27 8.04 15.09
C ALA B 291 -2.84 7.85 15.55
N LEU B 292 -2.37 8.79 16.37
CA LEU B 292 -1.07 8.72 17.03
C LEU B 292 -1.11 7.64 18.11
N PRO B 293 0.02 6.99 18.45
CA PRO B 293 0.06 6.00 19.54
C PRO B 293 -0.22 6.68 20.88
N PRO B 294 -0.83 5.95 21.85
CA PRO B 294 -1.15 6.53 23.16
C PRO B 294 0.02 6.59 24.15
N GLY B 300 6.15 -3.76 26.95
CA GLY B 300 5.91 -5.21 26.78
C GLY B 300 5.58 -5.56 25.33
N TRP B 301 6.13 -6.69 24.87
CA TRP B 301 5.90 -7.18 23.52
C TRP B 301 4.46 -7.64 23.35
N GLN B 302 3.89 -7.34 22.18
CA GLN B 302 2.51 -7.69 21.83
C GLN B 302 2.49 -8.27 20.41
N LEU B 303 1.51 -9.15 20.14
CA LEU B 303 1.39 -9.76 18.83
C LEU B 303 0.57 -8.87 17.91
N PHE B 304 1.23 -8.30 16.89
CA PHE B 304 0.54 -7.56 15.84
C PHE B 304 0.38 -8.43 14.60
N CYS B 305 -0.85 -8.47 14.08
CA CYS B 305 -1.19 -9.13 12.82
C CYS B 305 -1.99 -8.17 11.93
N ARG B 306 -1.90 -8.37 10.61
CA ARG B 306 -2.70 -7.65 9.63
C ARG B 306 -3.21 -8.61 8.57
N THR B 307 -4.30 -8.20 7.91
CA THR B 307 -4.92 -8.97 6.85
C THR B 307 -4.46 -8.39 5.50
N VAL B 308 -3.88 -9.27 4.66
CA VAL B 308 -3.40 -8.89 3.34
C VAL B 308 -4.24 -9.62 2.28
N TRP B 309 -5.02 -8.85 1.53
CA TRP B 309 -5.77 -9.35 0.39
C TRP B 309 -4.90 -9.32 -0.86
N SER B 310 -4.91 -10.42 -1.63
CA SER B 310 -4.27 -10.47 -2.93
C SER B 310 -5.06 -9.64 -3.95
N ALA B 311 -4.42 -9.40 -5.10
CA ALA B 311 -5.17 -9.10 -6.31
C ALA B 311 -6.05 -10.30 -6.66
N HIS B 312 -7.21 -10.02 -7.25
CA HIS B 312 -8.14 -11.03 -7.76
C HIS B 312 -7.39 -11.92 -8.75
N SER B 313 -7.68 -13.23 -8.75
CA SER B 313 -6.97 -14.20 -9.58
C SER B 313 -7.31 -14.05 -11.06
N GLY B 314 -8.48 -13.47 -11.37
CA GLY B 314 -9.02 -13.53 -12.72
C GLY B 314 -9.66 -14.88 -13.00
N PRO B 315 -10.41 -15.04 -14.12
CA PRO B 315 -11.27 -16.23 -14.30
C PRO B 315 -10.65 -17.48 -14.91
N THR B 316 -9.33 -17.49 -15.22
CA THR B 316 -8.76 -18.66 -15.87
C THR B 316 -8.93 -19.88 -14.96
N ARG B 317 -9.12 -21.05 -15.57
CA ARG B 317 -9.60 -22.22 -14.85
C ARG B 317 -8.57 -22.70 -13.82
N MET B 318 -7.27 -22.48 -14.12
CA MET B 318 -6.18 -22.82 -13.21
C MET B 318 -5.59 -21.57 -12.57
N ALA B 319 -6.37 -20.48 -12.52
CA ALA B 319 -5.92 -19.23 -11.92
C ALA B 319 -5.61 -19.45 -10.44
N THR B 320 -4.51 -18.83 -9.97
CA THR B 320 -4.26 -18.73 -8.53
C THR B 320 -4.03 -17.26 -8.18
N ALA B 321 -4.40 -16.89 -6.96
CA ALA B 321 -4.03 -15.61 -6.38
C ALA B 321 -3.04 -15.87 -5.24
N VAL B 322 -2.13 -14.92 -5.00
CA VAL B 322 -1.12 -15.07 -3.97
C VAL B 322 -1.09 -13.82 -3.10
N ALA B 323 -1.25 -14.02 -1.78
CA ALA B 323 -1.02 -12.98 -0.79
C ALA B 323 0.28 -13.27 -0.05
N ARG B 324 1.15 -12.24 0.03
CA ARG B 324 2.47 -12.39 0.63
C ARG B 324 2.63 -11.42 1.79
N CYS B 325 3.49 -11.80 2.73
CA CYS B 325 3.84 -10.98 3.88
C CYS B 325 5.15 -10.28 3.58
N ALA B 326 5.51 -9.32 4.42
CA ALA B 326 6.80 -8.66 4.34
C ALA B 326 7.91 -9.64 4.76
N PRO B 327 9.18 -9.39 4.39
CA PRO B 327 10.28 -10.29 4.76
C PRO B 327 10.41 -10.55 6.26
N ASP B 328 10.04 -9.58 7.10
CA ASP B 328 10.19 -9.72 8.55
C ASP B 328 8.87 -10.10 9.22
N GLU B 329 7.86 -10.48 8.44
CA GLU B 329 6.60 -10.97 8.98
C GLU B 329 6.52 -12.49 8.79
N GLU B 330 5.71 -13.13 9.65
CA GLU B 330 5.35 -14.53 9.51
C GLU B 330 3.91 -14.63 9.01
N LEU B 331 3.68 -15.52 8.06
CA LEU B 331 2.32 -15.89 7.67
C LEU B 331 1.79 -16.91 8.67
N LEU B 332 0.72 -16.55 9.42
CA LEU B 332 0.18 -17.44 10.45
C LEU B 332 -1.11 -18.11 9.98
N SER B 333 -1.74 -17.59 8.93
CA SER B 333 -2.92 -18.23 8.38
C SER B 333 -3.20 -17.72 6.96
N CYS B 334 -4.09 -18.42 6.28
CA CYS B 334 -4.39 -18.22 4.88
C CYS B 334 -5.84 -18.63 4.60
N SER B 335 -6.64 -17.69 4.10
CA SER B 335 -8.01 -17.99 3.71
C SER B 335 -8.24 -17.51 2.27
N SER B 336 -9.48 -17.61 1.81
CA SER B 336 -9.80 -17.19 0.47
C SER B 336 -11.27 -16.78 0.39
N PHE B 337 -11.61 -16.06 -0.68
CA PHE B 337 -12.95 -15.53 -0.84
C PHE B 337 -13.25 -15.41 -2.33
N SER B 338 -14.48 -15.78 -2.70
CA SER B 338 -15.04 -15.56 -4.03
C SER B 338 -16.49 -15.09 -3.88
N ARG B 339 -16.89 -14.10 -4.69
CA ARG B 339 -18.22 -13.51 -4.57
C ARG B 339 -19.29 -14.53 -4.96
N SER B 340 -18.97 -15.38 -5.96
CA SER B 340 -19.90 -16.39 -6.46
C SER B 340 -19.90 -17.63 -5.58
N GLY B 341 -18.75 -17.93 -4.95
CA GLY B 341 -18.60 -19.14 -4.16
C GLY B 341 -17.95 -20.27 -4.96
N LYS B 342 -17.55 -19.98 -6.20
CA LYS B 342 -16.90 -20.95 -7.08
C LYS B 342 -15.39 -20.90 -6.87
N ARG B 343 -14.90 -21.79 -6.00
CA ARG B 343 -13.54 -21.74 -5.48
C ARG B 343 -13.04 -23.16 -5.21
N ARG B 344 -11.72 -23.35 -5.22
CA ARG B 344 -11.11 -24.61 -4.81
C ARG B 344 -10.22 -24.39 -3.58
N GLY B 345 -10.49 -23.33 -2.81
CA GLY B 345 -9.84 -23.12 -1.52
C GLY B 345 -8.45 -22.53 -1.65
N GLU B 346 -7.57 -22.84 -0.67
CA GLU B 346 -6.29 -22.19 -0.55
C GLU B 346 -5.29 -23.07 0.19
N ARG B 347 -4.01 -22.77 0.00
CA ARG B 347 -2.93 -23.52 0.64
C ARG B 347 -1.82 -22.56 1.01
N MET B 348 -1.05 -22.92 2.04
CA MET B 348 0.15 -22.21 2.39
C MET B 348 1.33 -22.99 1.81
N GLU B 349 2.19 -22.31 1.03
CA GLU B 349 3.32 -22.96 0.37
C GLU B 349 4.54 -22.06 0.43
N ALA B 350 5.74 -22.67 0.37
CA ALA B 350 7.00 -21.95 0.50
C ALA B 350 7.48 -21.44 -0.86
N GLN B 351 7.79 -20.14 -0.93
CA GLN B 351 8.18 -19.49 -2.18
C GLN B 351 9.37 -18.58 -1.88
N GLY B 352 10.56 -19.01 -2.31
CA GLY B 352 11.80 -18.30 -2.00
C GLY B 352 12.17 -18.44 -0.53
N GLY B 353 11.95 -19.64 0.04
CA GLY B 353 12.26 -19.92 1.42
C GLY B 353 11.33 -19.20 2.40
N LYS B 354 10.12 -18.87 1.94
CA LYS B 354 9.19 -18.07 2.71
C LYS B 354 7.75 -18.45 2.34
N LEU B 355 6.90 -18.62 3.35
CA LEU B 355 5.55 -19.12 3.15
C LEU B 355 4.65 -18.02 2.62
N VAL B 356 3.82 -18.38 1.64
CA VAL B 356 2.86 -17.47 1.04
C VAL B 356 1.49 -18.15 1.04
N CYS B 357 0.47 -17.35 0.79
CA CYS B 357 -0.91 -17.81 0.78
C CYS B 357 -1.39 -17.84 -0.67
N ARG B 358 -1.72 -19.05 -1.17
CA ARG B 358 -2.13 -19.23 -2.56
C ARG B 358 -3.55 -19.77 -2.59
N ALA B 359 -4.43 -19.06 -3.31
CA ALA B 359 -5.83 -19.44 -3.44
C ALA B 359 -6.10 -19.92 -4.87
N HIS B 360 -7.03 -20.86 -5.03
CA HIS B 360 -7.27 -21.52 -6.31
C HIS B 360 -8.68 -21.24 -6.81
N ASN B 361 -8.79 -20.86 -8.10
CA ASN B 361 -10.08 -20.66 -8.73
C ASN B 361 -10.68 -22.01 -9.09
N ALA B 362 -12.01 -22.08 -9.10
CA ALA B 362 -12.72 -23.22 -9.65
C ALA B 362 -12.96 -23.00 -11.13
N PHE B 363 -12.89 -24.08 -11.91
CA PHE B 363 -13.28 -24.09 -13.31
C PHE B 363 -14.68 -23.48 -13.41
N GLY B 364 -14.84 -22.41 -14.19
CA GLY B 364 -16.11 -21.72 -14.31
C GLY B 364 -16.33 -20.64 -13.25
N GLY B 365 -15.31 -20.39 -12.41
CA GLY B 365 -15.34 -19.29 -11.46
C GLY B 365 -14.78 -18.00 -12.08
N GLU B 366 -15.27 -16.85 -11.60
CA GLU B 366 -14.80 -15.55 -12.06
C GLU B 366 -13.46 -15.20 -11.42
N GLY B 367 -13.07 -15.94 -10.38
CA GLY B 367 -11.77 -15.73 -9.74
C GLY B 367 -11.91 -15.67 -8.22
N VAL B 368 -10.76 -15.61 -7.53
CA VAL B 368 -10.71 -15.68 -6.08
C VAL B 368 -9.66 -14.69 -5.57
N TYR B 369 -9.82 -14.34 -4.28
CA TYR B 369 -8.79 -13.65 -3.53
C TYR B 369 -8.15 -14.64 -2.57
N ALA B 370 -6.83 -14.54 -2.43
CA ALA B 370 -6.12 -15.14 -1.30
C ALA B 370 -6.02 -14.08 -0.20
N ILE B 371 -6.13 -14.51 1.06
CA ILE B 371 -6.16 -13.60 2.18
C ILE B 371 -5.18 -14.10 3.25
N ALA B 372 -4.03 -13.42 3.37
CA ALA B 372 -3.01 -13.77 4.33
C ALA B 372 -3.22 -13.01 5.64
N ARG B 373 -2.90 -13.71 6.74
CA ARG B 373 -2.74 -13.06 8.03
C ARG B 373 -1.24 -13.02 8.32
N CYS B 374 -0.68 -11.80 8.30
CA CYS B 374 0.75 -11.57 8.44
C CYS B 374 1.03 -10.88 9.77
N CYS B 375 1.98 -11.45 10.53
CA CYS B 375 2.16 -11.09 11.93
C CYS B 375 3.64 -10.88 12.24
N LEU B 376 3.90 -10.02 13.23
CA LEU B 376 5.27 -9.80 13.71
C LEU B 376 5.52 -10.74 14.87
N LEU B 377 6.19 -11.85 14.58
CA LEU B 377 6.43 -12.89 15.57
C LEU B 377 7.90 -13.28 15.50
N PRO B 378 8.79 -12.59 16.27
CA PRO B 378 10.22 -12.86 16.20
C PRO B 378 10.53 -14.17 16.95
N GLN B 379 11.54 -14.88 16.44
CA GLN B 379 12.00 -16.13 17.05
C GLN B 379 10.92 -17.19 16.91
N ALA B 380 10.14 -17.12 15.83
CA ALA B 380 9.10 -18.10 15.56
C ALA B 380 9.64 -19.12 14.57
N ASN B 381 9.56 -20.40 14.93
CA ASN B 381 9.77 -21.49 14.01
C ASN B 381 8.38 -21.95 13.56
N CYS B 382 7.93 -21.46 12.39
CA CYS B 382 6.63 -21.81 11.86
C CYS B 382 6.79 -22.76 10.67
N SER B 383 5.82 -23.66 10.52
CA SER B 383 5.86 -24.67 9.48
C SER B 383 4.44 -25.06 9.11
N VAL B 384 4.29 -25.73 7.97
CA VAL B 384 3.00 -26.22 7.50
C VAL B 384 3.03 -27.73 7.60
N HIS B 385 1.93 -28.29 8.11
CA HIS B 385 1.65 -29.71 8.13
C HIS B 385 0.41 -29.96 7.26
N THR B 386 0.58 -30.81 6.23
CA THR B 386 -0.46 -31.05 5.23
C THR B 386 -0.85 -32.52 5.21
N ALA B 387 -2.16 -32.78 5.05
CA ALA B 387 -2.67 -34.11 4.74
C ALA B 387 -3.50 -34.04 3.46
N PRO B 388 -3.41 -35.06 2.56
CA PRO B 388 -4.22 -35.11 1.35
C PRO B 388 -5.63 -35.61 1.63
N PRO B 389 -6.53 -35.63 0.61
CA PRO B 389 -7.88 -36.18 0.78
C PRO B 389 -7.86 -37.61 1.32
N ALA B 390 -8.86 -37.95 2.14
CA ALA B 390 -8.89 -39.23 2.83
C ALA B 390 -10.10 -40.04 2.35
N GLY B 395 -13.80 -37.12 7.22
CA GLY B 395 -13.10 -35.84 6.98
C GLY B 395 -11.58 -35.97 7.11
N THR B 396 -10.85 -35.09 6.43
CA THR B 396 -9.39 -35.12 6.44
C THR B 396 -8.88 -34.29 7.62
N ARG B 397 -7.81 -34.78 8.27
CA ARG B 397 -7.33 -34.21 9.51
C ARG B 397 -5.81 -34.11 9.50
N VAL B 398 -5.31 -33.09 10.19
CA VAL B 398 -3.89 -32.93 10.44
C VAL B 398 -3.72 -32.11 11.71
N HIS B 399 -2.63 -32.32 12.45
CA HIS B 399 -2.44 -31.61 13.71
C HIS B 399 -0.97 -31.25 13.91
N CYS B 400 -0.72 -30.23 14.75
CA CYS B 400 0.62 -29.86 15.16
C CYS B 400 1.05 -30.82 16.26
N HIS B 401 1.79 -31.88 15.89
CA HIS B 401 1.97 -33.04 16.74
C HIS B 401 3.08 -32.83 17.77
N GLN B 402 3.99 -31.88 17.51
CA GLN B 402 5.17 -31.69 18.33
C GLN B 402 4.81 -30.95 19.61
N GLN B 403 5.53 -31.25 20.70
CA GLN B 403 5.34 -30.57 21.97
C GLN B 403 5.92 -29.16 21.90
N GLY B 404 5.19 -28.19 22.44
CA GLY B 404 5.60 -26.80 22.45
C GLY B 404 5.12 -26.01 21.22
N HIS B 405 4.38 -26.68 20.32
CA HIS B 405 3.93 -26.07 19.08
C HIS B 405 2.47 -25.65 19.21
N VAL B 406 2.14 -24.52 18.57
CA VAL B 406 0.77 -24.01 18.59
C VAL B 406 0.27 -23.89 17.15
N LEU B 407 -1.00 -24.24 16.95
CA LEU B 407 -1.71 -24.05 15.70
C LEU B 407 -2.19 -22.60 15.60
N THR B 408 -1.81 -21.93 14.49
CA THR B 408 -2.18 -20.53 14.28
C THR B 408 -3.18 -20.37 13.13
N GLY B 409 -3.36 -21.39 12.28
CA GLY B 409 -4.23 -21.27 11.13
C GLY B 409 -4.49 -22.61 10.44
N CYS B 410 -5.71 -22.76 9.91
CA CYS B 410 -6.12 -23.89 9.10
C CYS B 410 -6.51 -23.43 7.69
N SER B 411 -5.98 -24.10 6.67
CA SER B 411 -6.34 -23.88 5.27
C SER B 411 -6.78 -25.20 4.64
N SER B 412 -7.49 -25.12 3.51
CA SER B 412 -7.96 -26.31 2.82
C SER B 412 -8.16 -25.99 1.34
N HIS B 413 -7.59 -26.85 0.46
CA HIS B 413 -7.87 -26.77 -0.96
C HIS B 413 -8.29 -28.15 -1.46
N TRP B 414 -8.94 -28.16 -2.63
CA TRP B 414 -9.43 -29.38 -3.24
C TRP B 414 -9.26 -29.30 -4.75
N GLU B 415 -9.34 -30.46 -5.42
CA GLU B 415 -9.16 -30.56 -6.86
C GLU B 415 -10.52 -30.70 -7.53
N VAL B 416 -11.42 -31.45 -6.87
CA VAL B 416 -12.73 -31.81 -7.41
C VAL B 416 -13.55 -30.54 -7.62
N GLU B 417 -14.69 -30.70 -8.31
CA GLU B 417 -15.53 -29.56 -8.69
C GLU B 417 -16.78 -29.50 -7.82
N ASP B 418 -17.03 -30.54 -7.01
CA ASP B 418 -18.17 -30.54 -6.11
C ASP B 418 -17.86 -31.38 -4.88
N LEU B 419 -18.09 -30.79 -3.69
CA LEU B 419 -17.88 -31.45 -2.42
C LEU B 419 -19.25 -31.92 -1.88
N GLN B 432 -10.14 -30.78 18.41
CA GLN B 432 -9.04 -31.24 19.30
C GLN B 432 -8.01 -30.14 19.48
N PRO B 433 -6.99 -30.33 20.37
CA PRO B 433 -5.85 -29.44 20.44
C PRO B 433 -5.01 -29.46 19.16
N ASN B 434 -4.79 -28.29 18.57
CA ASN B 434 -3.81 -28.11 17.52
C ASN B 434 -4.17 -28.91 16.28
N GLN B 435 -5.48 -29.06 15.99
CA GLN B 435 -5.92 -29.89 14.89
C GLN B 435 -6.77 -29.08 13.90
N CYS B 436 -6.57 -29.35 12.60
CA CYS B 436 -7.42 -28.84 11.54
C CYS B 436 -8.21 -29.99 10.92
N VAL B 437 -9.46 -29.71 10.56
CA VAL B 437 -10.33 -30.69 9.92
C VAL B 437 -10.92 -30.08 8.65
N GLY B 438 -10.87 -30.85 7.55
CA GLY B 438 -11.42 -30.46 6.27
C GLY B 438 -12.41 -31.48 5.74
N HIS B 439 -13.00 -31.16 4.58
CA HIS B 439 -13.87 -32.08 3.86
C HIS B 439 -13.05 -33.29 3.41
N ARG B 440 -13.71 -34.46 3.31
CA ARG B 440 -13.03 -35.72 3.02
C ARG B 440 -12.32 -35.68 1.67
N GLU B 441 -12.83 -34.84 0.74
CA GLU B 441 -12.32 -34.76 -0.61
C GLU B 441 -11.29 -33.65 -0.75
N ALA B 442 -10.90 -33.02 0.37
CA ALA B 442 -10.00 -31.87 0.32
C ALA B 442 -8.71 -32.16 1.09
N SER B 443 -7.63 -31.50 0.67
CA SER B 443 -6.39 -31.43 1.43
C SER B 443 -6.57 -30.43 2.57
N ILE B 444 -5.84 -30.65 3.66
CA ILE B 444 -5.93 -29.82 4.86
C ILE B 444 -4.52 -29.40 5.24
N HIS B 445 -4.37 -28.14 5.69
CA HIS B 445 -3.07 -27.54 5.96
C HIS B 445 -3.15 -26.81 7.30
N ALA B 446 -2.24 -27.15 8.22
CA ALA B 446 -2.14 -26.48 9.50
C ALA B 446 -0.87 -25.65 9.53
N SER B 447 -0.98 -24.39 9.98
CA SER B 447 0.18 -23.59 10.33
C SER B 447 0.56 -23.84 11.78
N CYS B 448 1.76 -24.37 12.00
CA CYS B 448 2.23 -24.73 13.33
C CYS B 448 3.48 -23.93 13.64
N CYS B 449 3.51 -23.28 14.81
CA CYS B 449 4.64 -22.46 15.21
C CYS B 449 5.17 -22.92 16.58
N HIS B 450 6.50 -22.98 16.69
CA HIS B 450 7.14 -23.06 18.00
C HIS B 450 7.30 -21.62 18.49
N ALA B 451 6.51 -21.27 19.51
CA ALA B 451 6.53 -19.93 20.08
C ALA B 451 6.09 -20.02 21.54
N PRO B 452 6.96 -20.50 22.46
CA PRO B 452 6.59 -20.70 23.86
C PRO B 452 5.98 -19.51 24.59
N GLY B 453 6.36 -18.28 24.21
CA GLY B 453 5.81 -17.07 24.81
C GLY B 453 4.39 -16.75 24.34
N LEU B 454 3.82 -17.62 23.50
CA LEU B 454 2.51 -17.39 22.89
C LEU B 454 1.50 -18.38 23.47
N GLU B 455 0.31 -17.86 23.78
CA GLU B 455 -0.84 -18.67 24.18
C GLU B 455 -1.93 -18.50 23.12
N CYS B 456 -2.51 -19.62 22.66
CA CYS B 456 -3.58 -19.55 21.67
C CYS B 456 -4.81 -20.33 22.13
N LYS B 457 -6.00 -19.81 21.83
CA LYS B 457 -7.24 -20.54 22.01
C LYS B 457 -8.08 -20.42 20.75
N VAL B 458 -9.07 -21.32 20.62
CA VAL B 458 -9.97 -21.37 19.49
C VAL B 458 -11.38 -21.03 19.96
N LYS B 459 -12.05 -20.14 19.23
CA LYS B 459 -13.39 -19.70 19.56
C LYS B 459 -14.29 -19.98 18.36
N GLU B 460 -15.32 -20.81 18.56
CA GLU B 460 -16.26 -21.14 17.49
C GLU B 460 -17.59 -20.43 17.75
N HIS B 461 -18.29 -20.11 16.67
CA HIS B 461 -19.66 -19.61 16.74
C HIS B 461 -20.43 -20.12 15.53
N GLY B 462 -21.46 -20.93 15.80
CA GLY B 462 -22.28 -21.52 14.74
C GLY B 462 -23.69 -20.93 14.74
N ILE B 463 -24.18 -20.59 13.56
CA ILE B 463 -25.55 -20.11 13.39
C ILE B 463 -26.30 -21.13 12.54
N PRO B 464 -27.45 -21.67 13.03
CA PRO B 464 -28.23 -22.62 12.24
C PRO B 464 -28.76 -21.98 10.97
N ALA B 465 -29.41 -20.82 11.12
CA ALA B 465 -30.04 -20.11 10.01
C ALA B 465 -29.04 -19.98 8.85
N PRO B 466 -29.48 -20.19 7.59
CA PRO B 466 -28.56 -20.14 6.45
C PRO B 466 -28.14 -18.70 6.17
N GLN B 467 -27.53 -18.07 7.17
CA GLN B 467 -27.42 -16.63 7.22
C GLN B 467 -26.19 -16.20 6.42
N GLU B 468 -26.27 -14.99 5.83
CA GLU B 468 -25.31 -14.50 4.86
C GLU B 468 -23.92 -14.34 5.49
N GLN B 469 -23.88 -14.03 6.80
CA GLN B 469 -22.64 -13.78 7.49
C GLN B 469 -22.71 -14.39 8.89
N VAL B 470 -21.60 -14.99 9.32
CA VAL B 470 -21.41 -15.47 10.68
C VAL B 470 -20.07 -14.91 11.17
N THR B 471 -20.04 -14.33 12.37
CA THR B 471 -18.82 -13.74 12.90
C THR B 471 -18.54 -14.29 14.30
N VAL B 472 -17.26 -14.23 14.67
CA VAL B 472 -16.81 -14.51 16.02
C VAL B 472 -15.52 -13.74 16.25
N ALA B 473 -15.45 -13.02 17.37
CA ALA B 473 -14.35 -12.11 17.63
C ALA B 473 -13.51 -12.63 18.78
N CYS B 474 -12.20 -12.44 18.70
CA CYS B 474 -11.32 -12.69 19.82
C CYS B 474 -11.62 -11.68 20.93
N GLU B 475 -11.26 -12.04 22.16
CA GLU B 475 -11.47 -11.18 23.31
C GLU B 475 -10.44 -10.06 23.26
N GLU B 476 -10.74 -8.93 23.93
CA GLU B 476 -9.83 -7.80 24.00
C GLU B 476 -8.50 -8.27 24.60
N GLY B 477 -7.39 -7.84 24.00
CA GLY B 477 -6.07 -8.28 24.42
C GLY B 477 -5.56 -9.52 23.69
N TRP B 478 -6.41 -10.12 22.86
CA TRP B 478 -6.02 -11.27 22.05
C TRP B 478 -5.95 -10.84 20.59
N THR B 479 -5.05 -11.48 19.83
CA THR B 479 -4.90 -11.18 18.41
C THR B 479 -5.38 -12.36 17.59
N LEU B 480 -6.29 -12.10 16.64
CA LEU B 480 -6.80 -13.12 15.73
C LEU B 480 -5.67 -13.51 14.78
N THR B 481 -5.31 -14.80 14.76
CA THR B 481 -4.25 -15.29 13.88
C THR B 481 -4.86 -16.04 12.71
N GLY B 482 -6.01 -16.67 12.92
CA GLY B 482 -6.64 -17.49 11.88
C GLY B 482 -8.15 -17.41 11.90
N CYS B 483 -8.75 -17.42 10.70
CA CYS B 483 -10.18 -17.38 10.51
C CYS B 483 -10.57 -18.41 9.45
N SER B 484 -11.56 -19.26 9.76
CA SER B 484 -12.02 -20.27 8.82
C SER B 484 -13.46 -20.67 9.16
N ALA B 485 -14.05 -21.45 8.25
CA ALA B 485 -15.37 -22.04 8.46
C ALA B 485 -15.20 -23.55 8.67
N LEU B 486 -16.00 -24.13 9.56
CA LEU B 486 -16.06 -25.58 9.68
C LEU B 486 -16.60 -26.16 8.36
N PRO B 487 -16.04 -27.29 7.87
CA PRO B 487 -16.50 -27.90 6.62
C PRO B 487 -17.84 -28.66 6.73
N HIS B 491 -22.80 -23.84 1.70
CA HIS B 491 -21.89 -23.33 0.64
C HIS B 491 -21.35 -21.96 1.03
N VAL B 492 -20.12 -21.94 1.55
CA VAL B 492 -19.49 -20.71 2.01
C VAL B 492 -18.80 -20.05 0.81
N LEU B 493 -18.89 -18.72 0.76
CA LEU B 493 -18.19 -17.91 -0.22
C LEU B 493 -16.72 -17.79 0.17
N GLY B 494 -16.45 -17.84 1.48
CA GLY B 494 -15.10 -17.72 1.99
C GLY B 494 -15.09 -17.15 3.40
N ALA B 495 -13.88 -16.84 3.89
CA ALA B 495 -13.66 -16.36 5.24
C ALA B 495 -12.51 -15.37 5.26
N TYR B 496 -12.57 -14.41 6.19
CA TYR B 496 -11.52 -13.42 6.31
C TYR B 496 -11.57 -12.79 7.70
N ALA B 497 -10.38 -12.48 8.21
CA ALA B 497 -10.21 -11.67 9.40
C ALA B 497 -10.48 -10.22 9.06
N VAL B 498 -11.27 -9.55 9.92
CA VAL B 498 -11.46 -8.11 9.94
C VAL B 498 -11.04 -7.64 11.32
N ASP B 499 -9.88 -7.00 11.43
CA ASP B 499 -9.26 -6.69 12.71
C ASP B 499 -9.11 -8.00 13.49
N ASN B 500 -9.81 -8.13 14.64
CA ASN B 500 -9.77 -9.36 15.42
C ASN B 500 -11.12 -10.08 15.36
N THR B 501 -11.88 -9.86 14.28
CA THR B 501 -13.11 -10.58 14.04
C THR B 501 -12.94 -11.50 12.83
N CYS B 502 -13.29 -12.77 13.02
CA CYS B 502 -13.39 -13.74 11.95
C CYS B 502 -14.79 -13.69 11.33
N VAL B 503 -14.84 -13.49 10.00
CA VAL B 503 -16.09 -13.38 9.27
C VAL B 503 -16.18 -14.54 8.27
N VAL B 504 -17.30 -15.28 8.29
CA VAL B 504 -17.57 -16.33 7.32
C VAL B 504 -18.79 -15.90 6.51
N ARG B 505 -18.63 -15.90 5.18
CA ARG B 505 -19.68 -15.49 4.26
C ARG B 505 -20.30 -16.73 3.63
N SER B 506 -21.64 -16.80 3.67
CA SER B 506 -22.38 -17.91 3.12
C SER B 506 -23.36 -17.37 2.08
N ARG B 507 -23.52 -18.12 0.97
CA ARG B 507 -24.23 -17.61 -0.20
C ARG B 507 -25.66 -17.22 0.18
N ALA B 519 -25.86 -25.99 9.84
CA ALA B 519 -25.30 -24.77 10.47
C ALA B 519 -24.20 -24.18 9.58
N VAL B 520 -23.70 -23.01 10.01
CA VAL B 520 -22.48 -22.44 9.48
C VAL B 520 -21.68 -21.95 10.68
N THR B 521 -20.43 -22.41 10.81
CA THR B 521 -19.61 -22.13 11.97
C THR B 521 -18.37 -21.35 11.58
N ALA B 522 -18.20 -20.16 12.18
CA ALA B 522 -16.98 -19.39 12.12
C ALA B 522 -16.03 -19.85 13.22
N VAL B 523 -14.73 -19.96 12.88
CA VAL B 523 -13.72 -20.48 13.78
C VAL B 523 -12.54 -19.50 13.84
N ALA B 524 -12.35 -18.88 15.00
CA ALA B 524 -11.26 -17.95 15.21
C ALA B 524 -10.17 -18.57 16.07
N ILE B 525 -8.92 -18.48 15.60
CA ILE B 525 -7.77 -18.79 16.43
C ILE B 525 -7.20 -17.48 16.96
N CYS B 526 -7.14 -17.37 18.29
CA CYS B 526 -6.76 -16.15 18.99
C CYS B 526 -5.54 -16.41 19.84
N CYS B 527 -4.51 -15.55 19.70
CA CYS B 527 -3.25 -15.73 20.40
C CYS B 527 -2.85 -14.43 21.11
N ARG B 528 -2.11 -14.57 22.21
CA ARG B 528 -1.53 -13.42 22.89
C ARG B 528 -0.22 -13.85 23.54
N SER B 529 0.64 -12.86 23.81
CA SER B 529 1.85 -13.04 24.59
C SER B 529 1.48 -13.49 26.01
N ARG B 530 2.23 -14.45 26.55
CA ARG B 530 1.98 -14.96 27.90
C ARG B 530 2.34 -13.89 28.94
N1 EPE C . 26.05 0.18 -8.34
C2 EPE C . 25.35 -1.10 -8.06
C3 EPE C . 26.11 -1.97 -7.09
N4 EPE C . 26.35 -1.27 -5.83
C5 EPE C . 27.10 -0.04 -6.12
C6 EPE C . 26.32 0.85 -7.06
C7 EPE C . 27.05 -2.14 -4.87
C8 EPE C . 27.47 -1.48 -3.57
O8 EPE C . 26.46 -0.67 -2.99
C9 EPE C . 25.28 1.04 -9.26
C10 EPE C . 26.05 2.23 -9.81
S EPE C . 25.15 3.10 -11.06
O1S EPE C . 26.02 4.14 -11.55
O2S EPE C . 23.90 3.52 -10.47
O3S EPE C . 24.91 2.00 -12.16
C1 EDO D . 2.38 -4.99 -24.89
O1 EDO D . 2.62 -4.75 -23.51
C2 EDO D . 3.48 -5.72 -25.55
O2 EDO D . 4.60 -4.92 -25.86
C1 GOL E . 7.29 17.21 -19.45
O1 GOL E . 7.57 18.12 -18.39
C2 GOL E . 8.18 15.98 -19.39
O2 GOL E . 9.55 16.36 -19.27
C3 GOL E . 8.03 15.07 -20.59
O3 GOL E . 6.72 14.50 -20.66
C1 EDO F . -7.72 16.49 -13.28
O1 EDO F . -7.79 16.39 -11.88
C2 EDO F . -7.66 15.17 -13.92
O2 EDO F . -8.51 15.06 -15.04
C1 GOL G . 11.12 21.70 -16.55
O1 GOL G . 10.80 21.89 -15.18
C2 GOL G . 11.69 20.32 -16.82
O2 GOL G . 13.10 20.41 -16.99
C3 GOL G . 11.08 19.64 -18.03
O3 GOL G . 9.65 19.67 -17.99
#